data_9U3V
#
_entry.id   9U3V
#
_cell.length_a   1.00
_cell.length_b   1.00
_cell.length_c   1.00
_cell.angle_alpha   90.00
_cell.angle_beta   90.00
_cell.angle_gamma   90.00
#
_symmetry.space_group_name_H-M   'P 1'
#
_entity_poly.entity_id   1
_entity_poly.type   'polypeptide(L)'
_entity_poly.pdbx_seq_one_letter_code
;MASPPHQQLLHHHSTEVSCDSSGDSNSVRVKINPKQLSSNSHPKHCKYSISSSCSSSGDSGGVPRRVGGGGRLRRQKKLP
QLFERASSRWWDPKFDSVNLEEACLERCFPQTQRRFRYALFYIGFACLLWSIYFAVHMRSRLIVMVAPALCFLLVCVGFF
LFTFTKLYARHYAWTSLALTLLVFALTLAAQFQVLTPVSGRGDSSNLTATARPTDTCLSQVGSFSMCIEVLFLLYTVMHL
PLYLSLCLGVAYSVLFETFGYHFRDEACFPSPGAGALHWELLSRGLLHGCIHAIGVHLFVMSQVRSRSTFLKVGQSIMHG
KDLEVEKALKERMIHSVMPRIIADDLMKQGDEESENSVKRHATSSPKNRKKKSSIQKAPIAFRPFKMQQIEEVSILFADI
VGFTKMSANKSAHALVGLLNDLFGRFDRLCEETKCEKISTLGDCYYCVAGCPEPRADHAYCCIEMGLGMIKAIEQFCQEK
KEMVNMRVGVHTGTVLCGILGMRRFKFDVWSNDVNLANLMEQLGVAGKVHISEATAKYLDDRYEMEDGKVIERLGQSVVA
DQLKGLKTYLISGQRAKESRCSCAEALLSGFEVIDGSQVSSGPRGQGTASSGNVSDLAQTVKTFDNLKTCPSCGITFAPK
SEAGAEGGAPQNGCQDEHKNSTKASGGPNPKTQNGLLSPPQEEKLTNSQTSLCEILQEKGRWAGVSLDQSALLPLRFKNI
REKTDAHFVDVIKEDSLMKDYFFKPPINQFSLNFLDQELERSYRTSYQEEVIKNSPVKTFASPTFSSLLDVFLSTTVFLT
LSTTCFLKYEAATVPPPPAALAVFSAALLLEVLSLAVSIRMVFFLEDVMACTKRLLEWIAGWLPRHCIGAILVSLPALAV
YSHVTSEYETNIHFPVFTGSAALIAVVHYCNFCQLSSWMRSSLATVVGAGPLLLLYVSLCPDSSVLTSPLDAVQNFSSER
NPCNSSVPRDLRRPASLIGQEVVLVFFLLLLLVWFLNREFEVSYRLHYHGDVEADLHRTKIQSMRDQADWLLRNIIPYHV
AEQLKVSQTYSKNHDSGGVIFASIVNFSEFYEENYEGGKECYRVLNELIGDFDELLSKPDYSSIEKIKTIGATYMAASGL
NTAQAQDGSHPQEHLQILFEFAKEMMRVVDDFNNNMLWFNFKLRVGFNHGPLTAGVIGTTKLLYDIWGDTVNIASRMDTT
GVECRIQVSEESYRVLSKMGYDFDYRGTVNVKGKGQMKTYLYPKCTDHRVIPQHQLSISPDIRVQVDGSIGRSPTDEIAN
LVPSVQYVDKTSLGSDSSTQAKDAHLSPKRPWKEPVKAEERGRFGKAIEKDDCDETGIEEANELTKLNVSKSVGSNSENL
YFQGSMVSKGEELFTGVVPILVELDGDVNGHKFSVSGEGEGDATYGKLTLKFICTTGKLPVPWPTLVTTLTYGVQCFSRY
PDHMKQHDFFKSAMPEGYVQERTIFFKDDGNYKTRAEVKFEGDTLVNRIELKGIDFKEDGNILGHKLEYNYNSHNVYIMA
DKQKNGIKVNFKIRHNIEDGSVQLADHYQQNTPIGDGPVLLPDNHYLSTQSKLSKDPNEKRDHMVLLEFVTAAGITLGMD
ELYKHHHHHHHHHHDYKDDDDK
;
_entity_poly.pdbx_strand_id   A
#
# COMPACT_ATOMS: atom_id res chain seq x y z
N VAL A 98 13.85 -27.02 -0.17
CA VAL A 98 14.32 -25.80 0.47
C VAL A 98 15.59 -25.31 -0.19
N ASN A 99 16.17 -26.16 -1.06
CA ASN A 99 17.39 -25.78 -1.75
C ASN A 99 17.15 -24.58 -2.66
N LEU A 100 16.04 -24.58 -3.40
CA LEU A 100 15.71 -23.45 -4.25
C LEU A 100 15.23 -22.24 -3.44
N GLU A 101 14.76 -22.47 -2.21
CA GLU A 101 14.41 -21.34 -1.35
C GLU A 101 15.63 -20.52 -0.98
N GLU A 102 16.74 -21.19 -0.66
CA GLU A 102 17.96 -20.47 -0.30
C GLU A 102 18.50 -19.69 -1.49
N ALA A 103 18.49 -20.29 -2.68
CA ALA A 103 18.95 -19.60 -3.87
C ALA A 103 17.99 -18.47 -4.25
N CYS A 104 16.70 -18.62 -3.93
CA CYS A 104 15.75 -17.56 -4.21
C CYS A 104 16.07 -16.30 -3.40
N LEU A 105 16.45 -16.47 -2.14
CA LEU A 105 16.78 -15.33 -1.30
C LEU A 105 18.00 -14.58 -1.84
N GLU A 106 19.01 -15.31 -2.31
CA GLU A 106 20.20 -14.67 -2.85
C GLU A 106 19.85 -13.83 -4.08
N ARG A 107 19.00 -14.37 -4.95
CA ARG A 107 18.58 -13.61 -6.13
C ARG A 107 17.79 -12.36 -5.72
N CYS A 108 16.93 -12.50 -4.71
CA CYS A 108 16.15 -11.37 -4.20
C CYS A 108 16.90 -10.57 -3.13
N PHE A 109 18.10 -11.00 -2.75
CA PHE A 109 18.87 -10.24 -1.76
C PHE A 109 19.17 -8.80 -2.20
N PRO A 110 19.56 -8.51 -3.44
CA PRO A 110 19.72 -7.10 -3.82
C PRO A 110 18.44 -6.29 -3.67
N GLN A 111 17.28 -6.92 -3.85
CA GLN A 111 16.02 -6.21 -3.66
C GLN A 111 15.72 -5.99 -2.18
N THR A 112 15.96 -7.01 -1.34
CA THR A 112 15.72 -6.85 0.09
C THR A 112 16.75 -5.97 0.77
N GLN A 113 17.83 -5.60 0.07
CA GLN A 113 18.80 -4.65 0.58
C GLN A 113 18.55 -3.24 0.08
N ARG A 114 18.26 -3.09 -1.21
CA ARG A 114 17.94 -1.76 -1.74
C ARG A 114 16.66 -1.22 -1.12
N ARG A 115 15.67 -2.09 -0.90
CA ARG A 115 14.46 -1.67 -0.21
C ARG A 115 14.76 -1.25 1.23
N PHE A 116 15.50 -2.08 1.96
CA PHE A 116 15.77 -1.81 3.37
C PHE A 116 16.56 -0.52 3.54
N ARG A 117 17.52 -0.26 2.66
CA ARG A 117 18.29 0.97 2.74
C ARG A 117 17.43 2.20 2.45
N TYR A 118 16.34 2.02 1.69
CA TYR A 118 15.43 3.13 1.45
C TYR A 118 14.54 3.41 2.65
N ALA A 119 14.22 2.38 3.44
CA ALA A 119 13.47 2.60 4.68
C ALA A 119 14.26 3.45 5.65
N LEU A 120 15.57 3.22 5.75
CA LEU A 120 16.41 4.03 6.62
C LEU A 120 16.41 5.49 6.19
N PHE A 121 16.45 5.73 4.87
CA PHE A 121 16.36 7.11 4.38
C PHE A 121 15.01 7.71 4.71
N TYR A 122 13.95 6.90 4.69
CA TYR A 122 12.62 7.41 4.99
C TYR A 122 12.50 7.84 6.45
N ILE A 123 12.89 6.96 7.37
CA ILE A 123 12.77 7.29 8.79
C ILE A 123 13.75 8.38 9.17
N GLY A 124 14.95 8.35 8.60
CA GLY A 124 15.91 9.42 8.86
C GLY A 124 15.40 10.77 8.41
N PHE A 125 14.77 10.83 7.23
CA PHE A 125 14.18 12.08 6.77
C PHE A 125 12.94 12.43 7.59
N ALA A 126 12.13 11.43 7.93
CA ALA A 126 10.94 11.70 8.73
C ALA A 126 11.30 12.17 10.13
N CYS A 127 12.29 11.54 10.76
CA CYS A 127 12.70 11.92 12.10
C CYS A 127 13.44 13.25 12.12
N LEU A 128 13.84 13.78 10.97
CA LEU A 128 14.45 15.10 10.92
C LEU A 128 13.42 16.21 10.76
N LEU A 129 12.36 15.95 10.00
CA LEU A 129 11.30 16.94 9.84
C LEU A 129 10.50 17.10 11.13
N TRP A 130 10.28 16.00 11.85
CA TRP A 130 9.58 16.09 13.13
C TRP A 130 10.38 16.89 14.15
N SER A 131 11.71 16.69 14.17
CA SER A 131 12.55 17.45 15.08
C SER A 131 12.49 18.94 14.79
N ILE A 132 12.49 19.32 13.52
CA ILE A 132 12.36 20.72 13.15
C ILE A 132 11.00 21.25 13.56
N TYR A 133 9.95 20.46 13.30
CA TYR A 133 8.60 20.85 13.72
C TYR A 133 8.50 20.93 15.24
N PHE A 134 9.10 19.97 15.95
CA PHE A 134 9.05 19.98 17.41
C PHE A 134 9.87 21.12 18.00
N ALA A 135 11.05 21.39 17.42
CA ALA A 135 11.95 22.38 18.01
C ALA A 135 11.44 23.81 17.92
N VAL A 136 10.41 24.07 17.13
CA VAL A 136 9.88 25.41 16.94
C VAL A 136 8.51 25.57 17.61
N HIS A 137 7.57 24.69 17.29
CA HIS A 137 6.21 24.83 17.80
C HIS A 137 6.02 24.23 19.19
N MET A 138 6.99 23.49 19.71
CA MET A 138 6.86 22.84 21.02
C MET A 138 8.12 23.08 21.85
N ARG A 139 8.56 24.33 21.90
CA ARG A 139 9.74 24.70 22.68
C ARG A 139 9.52 24.59 24.18
N SER A 140 8.26 24.48 24.64
CA SER A 140 8.01 24.30 26.07
C SER A 140 8.63 23.00 26.58
N ARG A 141 8.51 21.93 25.79
CA ARG A 141 9.17 20.65 26.08
C ARG A 141 9.95 20.28 24.82
N LEU A 142 11.16 20.83 24.70
CA LEU A 142 11.98 20.66 23.50
C LEU A 142 12.97 19.52 23.63
N ILE A 143 13.86 19.60 24.62
CA ILE A 143 14.94 18.60 24.74
C ILE A 143 14.38 17.22 25.01
N VAL A 144 13.19 17.12 25.60
CA VAL A 144 12.64 15.82 25.94
C VAL A 144 11.99 15.11 24.76
N MET A 145 11.85 15.77 23.62
CA MET A 145 11.23 15.13 22.47
C MET A 145 12.09 15.27 21.22
N VAL A 146 12.82 16.37 21.10
CA VAL A 146 13.73 16.54 19.96
C VAL A 146 14.91 15.59 20.07
N ALA A 147 15.43 15.40 21.28
CA ALA A 147 16.61 14.54 21.46
C ALA A 147 16.39 13.11 20.96
N PRO A 148 15.27 12.44 21.21
CA PRO A 148 15.08 11.12 20.60
C PRO A 148 15.13 11.14 19.08
N ALA A 149 14.67 12.20 18.44
CA ALA A 149 14.67 12.26 16.98
C ALA A 149 16.08 12.27 16.43
N LEU A 150 16.93 13.18 16.93
CA LEU A 150 18.29 13.25 16.43
C LEU A 150 19.16 12.11 16.94
N CYS A 151 18.88 11.59 18.15
CA CYS A 151 19.64 10.44 18.64
C CYS A 151 19.33 9.19 17.82
N PHE A 152 18.06 9.00 17.44
CA PHE A 152 17.71 7.86 16.61
C PHE A 152 18.22 8.04 15.18
N LEU A 153 18.44 9.28 14.74
CA LEU A 153 19.10 9.49 13.46
C LEU A 153 20.46 8.81 13.40
N LEU A 154 21.14 8.72 14.54
CA LEU A 154 22.41 7.99 14.59
C LEU A 154 22.20 6.50 14.42
N VAL A 155 21.01 5.99 14.74
CA VAL A 155 20.72 4.57 14.55
C VAL A 155 20.64 4.24 13.07
N CYS A 156 20.03 5.13 12.28
CA CYS A 156 19.97 4.92 10.83
C CYS A 156 21.37 4.92 10.22
N VAL A 157 22.25 5.81 10.70
CA VAL A 157 23.61 5.86 10.19
C VAL A 157 24.35 4.56 10.49
N GLY A 158 24.20 4.05 11.72
CA GLY A 158 24.82 2.79 12.06
C GLY A 158 24.23 1.62 11.29
N PHE A 159 22.92 1.67 11.02
CA PHE A 159 22.28 0.62 10.26
C PHE A 159 22.59 0.70 8.77
N PHE A 160 22.75 1.91 8.23
CA PHE A 160 23.11 2.06 6.83
C PHE A 160 24.48 1.45 6.54
N LEU A 161 25.46 1.70 7.43
CA LEU A 161 26.78 1.13 7.24
C LEU A 161 26.78 -0.37 7.51
N PHE A 162 25.92 -0.85 8.40
CA PHE A 162 25.81 -2.28 8.66
C PHE A 162 25.45 -3.05 7.40
N THR A 163 24.78 -2.39 6.44
CA THR A 163 24.38 -3.07 5.21
C THR A 163 25.58 -3.58 4.43
N PHE A 164 26.63 -2.77 4.33
CA PHE A 164 27.82 -3.18 3.58
C PHE A 164 28.61 -4.27 4.30
N THR A 165 28.43 -4.42 5.61
CA THR A 165 29.13 -5.45 6.35
C THR A 165 28.71 -6.84 5.89
N LYS A 166 29.63 -7.80 6.00
CA LYS A 166 29.34 -9.16 5.57
C LYS A 166 28.21 -9.77 6.37
N LEU A 167 28.00 -9.30 7.60
CA LEU A 167 26.91 -9.83 8.41
C LEU A 167 25.55 -9.56 7.78
N TYR A 168 25.37 -8.37 7.20
CA TYR A 168 24.12 -8.08 6.51
C TYR A 168 23.96 -8.97 5.28
N ALA A 169 25.05 -9.31 4.61
CA ALA A 169 24.99 -10.26 3.52
C ALA A 169 24.56 -11.64 3.98
N ARG A 170 24.61 -11.91 5.28
CA ARG A 170 24.20 -13.19 5.84
C ARG A 170 23.03 -13.08 6.79
N HIS A 171 22.88 -11.97 7.51
CA HIS A 171 21.84 -11.79 8.51
C HIS A 171 21.02 -10.53 8.22
N TYR A 172 20.60 -10.38 6.96
CA TYR A 172 19.79 -9.23 6.60
C TYR A 172 18.44 -9.23 7.31
N ALA A 173 17.96 -10.41 7.69
CA ALA A 173 16.67 -10.50 8.38
C ALA A 173 16.78 -9.98 9.82
N TRP A 174 17.84 -10.35 10.54
CA TRP A 174 17.99 -9.93 11.92
C TRP A 174 18.16 -8.42 12.02
N THR A 175 18.97 -7.83 11.14
CA THR A 175 19.15 -6.37 11.16
C THR A 175 17.86 -5.65 10.86
N SER A 176 17.03 -6.22 9.99
CA SER A 176 15.72 -5.61 9.71
C SER A 176 14.79 -5.73 10.90
N LEU A 177 14.93 -6.79 11.70
CA LEU A 177 14.12 -6.92 12.91
C LEU A 177 14.46 -5.84 13.93
N ALA A 178 15.74 -5.52 14.07
CA ALA A 178 16.14 -4.50 15.02
C ALA A 178 15.58 -3.13 14.67
N LEU A 179 15.43 -2.83 13.38
CA LEU A 179 14.71 -1.63 12.98
C LEU A 179 13.26 -1.69 13.43
N THR A 180 12.61 -2.83 13.26
CA THR A 180 11.21 -2.95 13.65
C THR A 180 11.02 -2.68 15.14
N LEU A 181 11.92 -3.22 15.97
CA LEU A 181 11.78 -3.01 17.42
C LEU A 181 12.17 -1.60 17.82
N LEU A 182 13.26 -1.07 17.25
CA LEU A 182 13.74 0.24 17.67
C LEU A 182 12.81 1.36 17.23
N VAL A 183 12.30 1.29 16.00
CA VAL A 183 11.35 2.30 15.54
C VAL A 183 10.03 2.20 16.31
N PHE A 184 9.63 0.98 16.69
CA PHE A 184 8.47 0.83 17.55
C PHE A 184 8.65 1.58 18.85
N ALA A 185 9.82 1.46 19.47
CA ALA A 185 10.08 2.14 20.73
C ALA A 185 10.03 3.65 20.57
N LEU A 186 10.57 4.17 19.47
CA LEU A 186 10.55 5.61 19.24
C LEU A 186 9.14 6.13 19.07
N THR A 187 8.30 5.43 18.30
CA THR A 187 6.95 5.89 18.04
C THR A 187 6.05 5.69 19.26
N LEU A 188 6.17 4.56 19.94
CA LEU A 188 5.37 4.33 21.14
C LEU A 188 5.71 5.34 22.23
N ALA A 189 6.99 5.65 22.39
CA ALA A 189 7.38 6.64 23.39
C ALA A 189 6.96 8.04 22.99
N ALA A 190 6.93 8.33 21.68
CA ALA A 190 6.49 9.64 21.22
C ALA A 190 5.04 9.91 21.62
N GLN A 191 4.19 8.89 21.49
CA GLN A 191 2.81 9.03 21.93
C GLN A 191 2.72 9.20 23.45
N PHE A 192 3.58 8.51 24.19
CA PHE A 192 3.57 8.63 25.65
C PHE A 192 4.18 9.94 26.10
N GLN A 193 5.27 10.36 25.46
CA GLN A 193 6.02 11.52 25.95
C GLN A 193 5.26 12.83 25.77
N VAL A 194 4.45 12.94 24.71
CA VAL A 194 3.79 14.21 24.42
C VAL A 194 2.80 14.55 25.53
N LEU A 195 2.06 13.56 26.02
CA LEU A 195 1.06 13.79 27.05
C LEU A 195 1.55 13.28 28.40
N LEU A 218 0.39 17.27 20.91
CA LEU A 218 0.35 16.78 19.53
C LEU A 218 -1.02 16.23 19.19
N SER A 219 -1.42 16.38 17.93
CA SER A 219 -2.73 15.91 17.51
C SER A 219 -2.76 14.39 17.42
N GLN A 220 -3.97 13.83 17.52
CA GLN A 220 -4.12 12.40 17.30
C GLN A 220 -3.83 12.03 15.85
N VAL A 221 -4.02 12.97 14.93
CA VAL A 221 -3.68 12.72 13.53
C VAL A 221 -2.17 12.54 13.38
N GLY A 222 -1.38 13.37 14.06
CA GLY A 222 0.06 13.27 13.95
C GLY A 222 0.60 11.95 14.45
N SER A 223 0.10 11.48 15.60
CA SER A 223 0.52 10.17 16.11
C SER A 223 0.04 9.06 15.20
N PHE A 224 -1.21 9.14 14.72
CA PHE A 224 -1.76 8.08 13.88
C PHE A 224 -0.96 7.94 12.58
N SER A 225 -0.40 9.04 12.08
CA SER A 225 0.46 8.94 10.91
C SER A 225 1.71 8.12 11.22
N MET A 226 2.28 8.31 12.41
CA MET A 226 3.45 7.52 12.80
C MET A 226 3.10 6.04 12.85
N CYS A 227 1.94 5.70 13.40
CA CYS A 227 1.53 4.30 13.46
C CYS A 227 1.35 3.73 12.05
N ILE A 228 0.74 4.51 11.16
CA ILE A 228 0.50 4.04 9.79
C ILE A 228 1.82 3.84 9.05
N GLU A 229 2.72 4.81 9.15
CA GLU A 229 3.95 4.77 8.36
C GLU A 229 4.88 3.65 8.83
N VAL A 230 5.01 3.49 10.15
CA VAL A 230 5.88 2.43 10.67
C VAL A 230 5.29 1.07 10.37
N LEU A 231 3.97 0.93 10.45
CA LEU A 231 3.33 -0.33 10.10
C LEU A 231 3.57 -0.70 8.65
N PHE A 232 3.52 0.29 7.76
CA PHE A 232 3.73 0.03 6.35
C PHE A 232 5.16 -0.43 6.07
N LEU A 233 6.14 0.15 6.75
CA LEU A 233 7.52 -0.27 6.56
C LEU A 233 7.70 -1.73 6.97
N LEU A 234 7.09 -2.13 8.08
CA LEU A 234 7.22 -3.51 8.54
C LEU A 234 6.58 -4.49 7.56
N TYR A 235 5.43 -4.13 7.01
CA TYR A 235 4.69 -5.07 6.16
C TYR A 235 5.35 -5.23 4.80
N THR A 236 5.81 -4.15 4.20
CA THR A 236 6.25 -4.16 2.82
C THR A 236 7.76 -4.13 2.63
N VAL A 237 8.48 -3.28 3.37
CA VAL A 237 9.87 -3.00 3.07
C VAL A 237 10.77 -3.37 4.26
N MET A 238 10.39 -4.40 5.01
CA MET A 238 11.25 -4.92 6.07
C MET A 238 11.63 -6.39 5.90
N HIS A 239 10.87 -7.17 5.14
CA HIS A 239 11.23 -8.53 4.76
C HIS A 239 11.43 -9.42 6.00
N LEU A 240 10.34 -9.60 6.72
CA LEU A 240 10.26 -10.50 7.86
C LEU A 240 9.19 -11.56 7.58
N PRO A 241 9.23 -12.69 8.29
CA PRO A 241 8.19 -13.70 8.10
C PRO A 241 6.80 -13.15 8.39
N LEU A 242 5.81 -13.70 7.69
CA LEU A 242 4.45 -13.16 7.76
C LEU A 242 3.90 -13.22 9.18
N TYR A 243 4.07 -14.37 9.85
CA TYR A 243 3.56 -14.50 11.21
C TYR A 243 4.29 -13.59 12.17
N LEU A 244 5.58 -13.33 11.94
CA LEU A 244 6.30 -12.39 12.78
C LEU A 244 5.93 -10.95 12.44
N SER A 245 5.71 -10.67 11.16
CA SER A 245 5.36 -9.30 10.75
C SER A 245 3.95 -8.94 11.23
N LEU A 246 2.98 -9.84 11.02
CA LEU A 246 1.61 -9.54 11.40
C LEU A 246 1.47 -9.44 12.92
N CYS A 247 2.10 -10.35 13.66
CA CYS A 247 1.98 -10.32 15.12
C CYS A 247 2.65 -9.08 15.71
N LEU A 248 3.82 -8.71 15.18
CA LEU A 248 4.48 -7.50 15.67
C LEU A 248 3.66 -6.26 15.33
N GLY A 249 3.05 -6.23 14.16
CA GLY A 249 2.25 -5.09 13.78
C GLY A 249 1.04 -4.90 14.67
N VAL A 250 0.33 -5.99 14.98
CA VAL A 250 -0.84 -5.89 15.84
C VAL A 250 -0.43 -5.57 17.27
N ALA A 251 0.66 -6.19 17.75
CA ALA A 251 1.15 -5.89 19.08
C ALA A 251 1.58 -4.43 19.19
N TYR A 252 2.21 -3.90 18.15
CA TYR A 252 2.56 -2.48 18.14
C TYR A 252 1.31 -1.61 18.10
N SER A 253 0.32 -1.98 17.27
CA SER A 253 -0.90 -1.20 17.17
C SER A 253 -1.70 -1.25 18.47
N VAL A 254 -1.76 -2.40 19.12
CA VAL A 254 -2.49 -2.50 20.38
C VAL A 254 -1.77 -1.72 21.47
N LEU A 255 -0.45 -1.62 21.39
CA LEU A 255 0.29 -0.77 22.32
C LEU A 255 0.11 0.70 22.00
N PHE A 256 -0.02 1.03 20.71
CA PHE A 256 -0.24 2.41 20.31
C PHE A 256 -1.59 2.91 20.80
N GLU A 257 -2.66 2.16 20.52
CA GLU A 257 -4.00 2.58 20.89
C GLU A 257 -4.24 2.51 22.40
N THR A 258 -3.36 1.84 23.15
CA THR A 258 -3.54 1.75 24.60
C THR A 258 -2.68 2.73 25.37
N PHE A 259 -1.59 3.22 24.79
CA PHE A 259 -0.81 4.25 25.46
C PHE A 259 -1.47 5.61 25.33
N GLY A 260 -2.12 5.87 24.20
CA GLY A 260 -2.75 7.17 24.00
C GLY A 260 -3.91 7.41 24.94
N TYR A 261 -4.77 6.40 25.11
CA TYR A 261 -5.94 6.58 25.96
C TYR A 261 -5.57 6.52 27.44
N HIS A 262 -4.62 5.66 27.81
CA HIS A 262 -4.22 5.55 29.21
C HIS A 262 -3.41 6.75 29.66
N PHE A 263 -2.52 7.24 28.81
CA PHE A 263 -1.65 8.37 29.12
C PHE A 263 -2.04 9.62 28.34
N ARG A 264 -3.34 9.85 28.20
CA ARG A 264 -3.85 11.03 27.51
C ARG A 264 -3.61 12.29 28.34
N HIS A 278 -18.12 3.68 24.72
CA HIS A 278 -18.59 2.47 24.05
C HIS A 278 -18.15 2.42 22.59
N TRP A 279 -18.79 3.22 21.74
CA TRP A 279 -18.51 3.19 20.31
C TRP A 279 -17.20 3.88 19.95
N GLU A 280 -16.68 4.76 20.80
CA GLU A 280 -15.48 5.49 20.44
C GLU A 280 -14.26 4.58 20.36
N LEU A 281 -14.20 3.55 21.21
CA LEU A 281 -13.06 2.65 21.19
C LEU A 281 -13.11 1.70 19.98
N LEU A 282 -14.31 1.36 19.51
CA LEU A 282 -14.42 0.49 18.34
C LEU A 282 -13.90 1.19 17.09
N SER A 283 -14.12 2.50 16.97
CA SER A 283 -13.72 3.21 15.77
C SER A 283 -12.22 3.15 15.54
N ARG A 284 -11.43 3.29 16.60
CA ARG A 284 -9.98 3.22 16.45
C ARG A 284 -9.54 1.84 15.97
N GLY A 285 -10.21 0.78 16.46
CA GLY A 285 -9.88 -0.56 16.00
C GLY A 285 -10.19 -0.78 14.53
N LEU A 286 -11.31 -0.21 14.06
CA LEU A 286 -11.67 -0.37 12.65
C LEU A 286 -10.66 0.30 11.74
N LEU A 287 -10.21 1.51 12.10
CA LEU A 287 -9.12 2.12 11.35
C LEU A 287 -7.84 1.31 11.46
N HIS A 288 -7.57 0.79 12.66
CA HIS A 288 -6.38 -0.02 12.85
C HIS A 288 -6.44 -1.30 12.03
N GLY A 289 -7.61 -1.93 11.95
CA GLY A 289 -7.77 -3.11 11.15
C GLY A 289 -7.56 -2.86 9.66
N CYS A 290 -7.93 -1.66 9.19
CA CYS A 290 -7.75 -1.34 7.78
C CYS A 290 -6.27 -1.26 7.41
N ILE A 291 -5.43 -0.75 8.31
CA ILE A 291 -4.01 -0.65 8.03
C ILE A 291 -3.41 -2.03 7.83
N HIS A 292 -3.77 -2.99 8.70
CA HIS A 292 -3.24 -4.34 8.57
C HIS A 292 -3.76 -5.03 7.32
N ALA A 293 -5.03 -4.82 6.98
CA ALA A 293 -5.60 -5.45 5.80
C ALA A 293 -4.88 -5.01 4.53
N ILE A 294 -4.60 -3.70 4.42
CA ILE A 294 -3.87 -3.22 3.26
C ILE A 294 -2.42 -3.67 3.31
N GLY A 295 -1.79 -3.59 4.48
CA GLY A 295 -0.40 -3.99 4.59
C GLY A 295 -0.18 -5.47 4.31
N VAL A 296 -1.06 -6.32 4.83
CA VAL A 296 -0.94 -7.76 4.56
C VAL A 296 -1.14 -8.04 3.08
N HIS A 297 -2.11 -7.38 2.46
CA HIS A 297 -2.36 -7.59 1.04
C HIS A 297 -1.16 -7.17 0.20
N LEU A 298 -0.54 -6.03 0.55
CA LEU A 298 0.67 -5.63 -0.16
C LEU A 298 1.81 -6.61 0.12
N PHE A 299 1.93 -7.09 1.36
CA PHE A 299 3.00 -8.03 1.69
C PHE A 299 2.81 -9.35 0.97
N VAL A 300 1.59 -9.91 1.04
CA VAL A 300 1.35 -11.21 0.43
C VAL A 300 1.53 -11.13 -1.08
N MET A 301 1.00 -10.08 -1.70
CA MET A 301 1.08 -9.97 -3.16
C MET A 301 2.49 -9.66 -3.63
N SER A 302 3.31 -9.07 -2.76
CA SER A 302 4.69 -8.77 -3.14
C SER A 302 5.54 -10.04 -3.16
N GLN A 303 5.32 -10.94 -2.19
CA GLN A 303 6.04 -12.21 -2.19
C GLN A 303 5.64 -13.07 -3.37
N VAL A 304 4.41 -12.93 -3.86
CA VAL A 304 3.97 -13.67 -5.03
C VAL A 304 4.76 -13.25 -6.26
N ARG A 305 4.93 -11.94 -6.46
CA ARG A 305 5.68 -11.45 -7.61
C ARG A 305 7.13 -11.92 -7.54
N SER A 306 7.77 -11.78 -6.38
CA SER A 306 9.18 -12.13 -6.26
C SER A 306 9.40 -13.62 -6.48
N ARG A 307 8.53 -14.46 -5.92
CA ARG A 307 8.69 -15.90 -6.09
C ARG A 307 8.34 -16.34 -7.50
N SER A 308 7.27 -15.79 -8.07
CA SER A 308 6.87 -16.18 -9.42
C SER A 308 7.88 -15.72 -10.46
N THR A 309 8.44 -14.52 -10.28
CA THR A 309 9.50 -14.06 -11.17
C THR A 309 10.73 -14.94 -11.06
N PHE A 310 11.07 -15.36 -9.84
CA PHE A 310 12.25 -16.19 -9.65
C PHE A 310 12.10 -17.53 -10.36
N LEU A 311 10.93 -18.14 -10.27
CA LEU A 311 10.70 -19.41 -10.96
C LEU A 311 10.74 -19.23 -12.48
N LYS A 312 10.11 -18.17 -12.98
CA LYS A 312 10.02 -17.99 -14.43
C LYS A 312 11.33 -17.51 -15.03
N VAL A 313 12.09 -16.69 -14.30
CA VAL A 313 13.41 -16.29 -14.78
C VAL A 313 14.34 -17.49 -14.82
N GLY A 314 14.29 -18.34 -13.78
CA GLY A 314 15.06 -19.57 -13.80
C GLY A 314 14.54 -20.59 -14.78
N GLN A 315 13.25 -20.52 -15.12
CA GLN A 315 12.71 -21.41 -16.14
C GLN A 315 13.34 -21.13 -17.50
N SER A 316 13.57 -19.86 -17.81
CA SER A 316 14.18 -19.50 -19.09
C SER A 316 15.63 -19.93 -19.16
N ILE A 317 16.31 -20.00 -18.01
CA ILE A 317 17.73 -20.38 -18.00
C ILE A 317 17.89 -21.82 -18.48
N MET A 318 17.04 -22.73 -17.99
CA MET A 318 17.10 -24.10 -18.46
C MET A 318 16.57 -24.24 -19.88
N HIS A 319 15.71 -23.32 -20.31
CA HIS A 319 15.21 -23.37 -21.68
C HIS A 319 16.29 -22.95 -22.67
N GLY A 320 17.01 -21.87 -22.37
CA GLY A 320 18.15 -21.50 -23.19
C GLY A 320 19.24 -22.56 -23.18
N LYS A 321 19.42 -23.22 -22.03
CA LYS A 321 20.39 -24.31 -21.96
C LYS A 321 19.96 -25.49 -22.82
N ASP A 322 18.67 -25.82 -22.81
CA ASP A 322 18.18 -26.93 -23.63
C ASP A 322 18.12 -26.54 -25.11
N LEU A 323 17.98 -25.24 -25.39
CA LEU A 323 17.92 -24.79 -26.78
C LEU A 323 19.23 -25.10 -27.51
N GLU A 324 20.35 -24.89 -26.85
CA GLU A 324 21.65 -25.19 -27.45
C GLU A 324 21.89 -26.69 -27.46
N PRO A 745 16.45 -4.99 -15.86
CA PRO A 745 15.28 -4.14 -15.61
C PRO A 745 14.94 -3.25 -16.80
N PRO A 746 14.07 -3.74 -17.70
CA PRO A 746 13.68 -2.98 -18.90
C PRO A 746 12.53 -1.99 -18.64
N ILE A 747 12.69 -1.18 -17.60
CA ILE A 747 11.68 -0.20 -17.20
C ILE A 747 12.38 1.14 -16.99
N ASN A 748 11.86 2.20 -17.60
CA ASN A 748 12.43 3.51 -17.41
C ASN A 748 12.13 4.01 -15.99
N GLN A 749 13.09 4.74 -15.42
CA GLN A 749 12.98 5.15 -14.03
C GLN A 749 11.87 6.18 -13.82
N PHE A 750 11.64 7.05 -14.80
CA PHE A 750 10.70 8.15 -14.61
C PHE A 750 9.25 7.70 -14.82
N SER A 751 8.93 7.26 -16.04
CA SER A 751 7.55 6.98 -16.40
C SER A 751 7.09 5.57 -16.04
N LEU A 752 7.99 4.72 -15.54
CA LEU A 752 7.65 3.35 -15.16
C LEU A 752 7.01 2.60 -16.32
N ASN A 753 7.72 2.56 -17.45
CA ASN A 753 7.23 1.91 -18.65
C ASN A 753 8.37 1.15 -19.31
N PHE A 754 8.02 0.10 -20.05
CA PHE A 754 9.01 -0.59 -20.85
C PHE A 754 9.49 0.32 -21.97
N LEU A 755 10.80 0.33 -22.20
CA LEU A 755 11.38 1.23 -23.20
C LEU A 755 10.86 0.89 -24.59
N ASP A 756 10.76 -0.40 -24.91
CA ASP A 756 10.24 -0.82 -26.20
C ASP A 756 8.73 -0.57 -26.25
N GLN A 757 8.29 0.21 -27.24
CA GLN A 757 6.87 0.49 -27.39
C GLN A 757 6.07 -0.76 -27.71
N GLU A 758 6.71 -1.76 -28.33
CA GLU A 758 6.02 -3.01 -28.63
C GLU A 758 5.63 -3.73 -27.35
N LEU A 759 6.49 -3.70 -26.33
CA LEU A 759 6.15 -4.32 -25.06
C LEU A 759 5.05 -3.56 -24.34
N GLU A 760 5.00 -2.24 -24.51
CA GLU A 760 3.93 -1.45 -23.90
C GLU A 760 2.57 -1.84 -24.46
N ARG A 761 2.49 -1.98 -25.79
CA ARG A 761 1.19 -2.22 -26.43
C ARG A 761 0.59 -3.54 -25.97
N SER A 762 1.40 -4.60 -25.92
CA SER A 762 0.91 -5.88 -25.43
C SER A 762 0.64 -5.83 -23.94
N TYR A 763 1.48 -5.11 -23.19
CA TYR A 763 1.26 -5.01 -21.74
C TYR A 763 -0.05 -4.30 -21.44
N ARG A 764 -0.36 -3.22 -22.17
CA ARG A 764 -1.59 -2.49 -21.92
C ARG A 764 -2.82 -3.32 -22.26
N THR A 765 -2.68 -4.30 -23.13
CA THR A 765 -3.78 -5.18 -23.51
C THR A 765 -3.73 -6.52 -22.80
N SER A 766 -2.84 -6.69 -21.81
CA SER A 766 -2.65 -7.99 -21.19
C SER A 766 -3.93 -8.49 -20.53
N TYR A 767 -4.63 -7.61 -19.80
CA TYR A 767 -5.89 -8.01 -19.18
C TYR A 767 -6.93 -8.36 -20.25
N GLN A 768 -6.98 -7.57 -21.32
CA GLN A 768 -7.95 -7.82 -22.37
C GLN A 768 -7.74 -9.18 -23.02
N GLU A 769 -6.51 -9.45 -23.48
CA GLU A 769 -6.24 -10.76 -24.08
C GLU A 769 -6.43 -11.88 -23.08
N GLU A 770 -6.20 -11.62 -21.80
CA GLU A 770 -6.48 -12.63 -20.78
C GLU A 770 -7.96 -12.96 -20.73
N VAL A 771 -8.82 -11.95 -20.82
CA VAL A 771 -10.26 -12.19 -20.79
C VAL A 771 -10.73 -12.78 -22.12
N ILE A 772 -10.24 -12.24 -23.24
CA ILE A 772 -10.67 -12.72 -24.55
C ILE A 772 -10.32 -14.18 -24.73
N LYS A 773 -9.14 -14.60 -24.25
CA LYS A 773 -8.72 -15.98 -24.40
C LYS A 773 -9.23 -16.89 -23.29
N ASN A 774 -9.84 -16.33 -22.25
CA ASN A 774 -10.41 -17.10 -21.15
C ASN A 774 -9.39 -18.07 -20.54
N SER A 775 -8.17 -17.59 -20.36
CA SER A 775 -7.13 -18.43 -19.78
C SER A 775 -7.47 -18.77 -18.33
N PRO A 776 -7.16 -19.98 -17.88
CA PRO A 776 -7.53 -20.38 -16.52
C PRO A 776 -6.74 -19.62 -15.47
N VAL A 777 -7.31 -19.57 -14.27
CA VAL A 777 -6.66 -18.93 -13.14
C VAL A 777 -5.60 -19.87 -12.60
N LYS A 778 -4.33 -19.47 -12.71
CA LYS A 778 -3.22 -20.33 -12.31
C LYS A 778 -2.76 -20.04 -10.89
N THR A 779 -2.35 -18.80 -10.62
CA THR A 779 -1.78 -18.43 -9.33
C THR A 779 -2.34 -17.09 -8.90
N PHE A 780 -1.83 -16.57 -7.78
CA PHE A 780 -2.28 -15.28 -7.27
C PHE A 780 -1.81 -14.12 -8.13
N ALA A 781 -0.83 -14.34 -9.00
CA ALA A 781 -0.29 -13.28 -9.84
C ALA A 781 -0.98 -13.18 -11.19
N SER A 782 -2.03 -13.95 -11.42
CA SER A 782 -2.78 -13.84 -12.66
C SER A 782 -3.43 -12.45 -12.74
N PRO A 783 -3.40 -11.81 -13.91
CA PRO A 783 -3.93 -10.43 -13.99
C PRO A 783 -5.38 -10.31 -13.59
N THR A 784 -6.20 -11.34 -13.85
CA THR A 784 -7.62 -11.25 -13.53
C THR A 784 -7.91 -11.61 -12.08
N PHE A 785 -7.07 -12.44 -11.45
CA PHE A 785 -7.25 -12.74 -10.04
C PHE A 785 -6.83 -11.58 -9.16
N SER A 786 -5.76 -10.87 -9.54
CA SER A 786 -5.31 -9.72 -8.77
C SER A 786 -6.40 -8.66 -8.69
N SER A 787 -7.19 -8.50 -9.75
CA SER A 787 -8.29 -7.55 -9.71
C SER A 787 -9.34 -7.96 -8.68
N LEU A 788 -9.62 -9.26 -8.58
CA LEU A 788 -10.62 -9.73 -7.62
C LEU A 788 -10.20 -9.41 -6.19
N LEU A 789 -8.93 -9.66 -5.85
CA LEU A 789 -8.46 -9.34 -4.50
C LEU A 789 -8.37 -7.84 -4.29
N ASP A 790 -8.06 -7.08 -5.35
CA ASP A 790 -8.01 -5.62 -5.23
C ASP A 790 -9.40 -5.05 -4.92
N VAL A 791 -10.42 -5.51 -5.63
CA VAL A 791 -11.78 -5.03 -5.38
C VAL A 791 -12.28 -5.52 -4.02
N PHE A 792 -11.93 -6.76 -3.65
CA PHE A 792 -12.39 -7.30 -2.38
C PHE A 792 -11.82 -6.49 -1.21
N LEU A 793 -10.54 -6.11 -1.29
CA LEU A 793 -9.97 -5.23 -0.27
C LEU A 793 -10.60 -3.85 -0.32
N SER A 794 -10.86 -3.34 -1.52
CA SER A 794 -11.46 -2.02 -1.65
C SER A 794 -12.85 -1.96 -1.03
N THR A 795 -13.64 -3.01 -1.21
CA THR A 795 -14.96 -3.07 -0.58
C THR A 795 -14.84 -3.09 0.93
N THR A 796 -13.91 -3.87 1.47
CA THR A 796 -13.75 -3.96 2.92
C THR A 796 -13.17 -2.67 3.50
N VAL A 797 -12.21 -2.07 2.80
CA VAL A 797 -11.66 -0.80 3.25
C VAL A 797 -12.74 0.28 3.26
N PHE A 798 -13.56 0.32 2.21
CA PHE A 798 -14.66 1.28 2.15
C PHE A 798 -15.67 1.02 3.26
N LEU A 799 -16.00 -0.24 3.51
CA LEU A 799 -17.08 -0.56 4.45
C LEU A 799 -16.66 -0.27 5.88
N THR A 800 -15.46 -0.71 6.29
CA THR A 800 -15.00 -0.44 7.64
C THR A 800 -14.83 1.06 7.88
N LEU A 801 -14.29 1.77 6.89
CA LEU A 801 -14.16 3.22 7.01
C LEU A 801 -15.52 3.89 7.11
N SER A 802 -16.51 3.38 6.37
CA SER A 802 -17.85 3.95 6.43
C SER A 802 -18.52 3.67 7.77
N THR A 803 -18.21 2.53 8.40
CA THR A 803 -18.83 2.20 9.67
C THR A 803 -18.43 3.18 10.76
N THR A 804 -17.16 3.58 10.79
CA THR A 804 -16.71 4.53 11.81
C THR A 804 -17.35 5.90 11.63
N CYS A 805 -17.46 6.37 10.38
CA CYS A 805 -18.03 7.68 10.14
C CYS A 805 -19.48 7.75 10.60
N PHE A 806 -20.25 6.69 10.38
CA PHE A 806 -21.64 6.68 10.83
C PHE A 806 -21.74 6.45 12.33
N LEU A 807 -20.66 6.02 12.99
CA LEU A 807 -20.64 5.95 14.44
C LEU A 807 -20.43 7.32 15.06
N LYS A 808 -19.87 8.27 14.32
CA LYS A 808 -19.69 9.62 14.83
C LYS A 808 -21.03 10.30 15.10
N TYR A 809 -22.01 10.06 14.22
CA TYR A 809 -23.30 10.74 14.35
C TYR A 809 -24.14 10.14 15.48
N GLU A 810 -23.81 8.93 15.92
CA GLU A 810 -24.61 8.27 16.94
C GLU A 810 -24.35 8.86 18.33
N VAL A 814 -27.57 16.34 15.19
CA VAL A 814 -27.62 16.59 13.76
C VAL A 814 -27.56 15.28 12.98
N PRO A 815 -28.62 14.99 12.24
CA PRO A 815 -28.64 13.77 11.43
C PRO A 815 -27.67 13.87 10.26
N PRO A 816 -27.22 12.74 9.73
CA PRO A 816 -26.26 12.77 8.63
C PRO A 816 -26.82 13.52 7.44
N PRO A 817 -25.97 14.26 6.73
CA PRO A 817 -26.45 15.08 5.60
C PRO A 817 -27.04 14.21 4.51
N PRO A 818 -27.97 14.75 3.71
CA PRO A 818 -28.50 13.97 2.58
C PRO A 818 -27.40 13.52 1.63
N ALA A 819 -26.34 14.30 1.49
CA ALA A 819 -25.19 13.86 0.71
C ALA A 819 -24.54 12.63 1.31
N ALA A 820 -24.40 12.59 2.64
CA ALA A 820 -23.71 11.48 3.29
C ALA A 820 -24.42 10.17 3.01
N LEU A 821 -25.75 10.15 3.09
CA LEU A 821 -26.48 8.94 2.75
C LEU A 821 -26.42 8.64 1.26
N ALA A 822 -26.35 9.67 0.42
CA ALA A 822 -26.39 9.46 -1.02
C ALA A 822 -25.10 8.82 -1.52
N VAL A 823 -23.95 9.35 -1.10
CA VAL A 823 -22.67 8.86 -1.63
C VAL A 823 -22.40 7.44 -1.16
N PHE A 824 -22.71 7.14 0.10
CA PHE A 824 -22.46 5.79 0.62
C PHE A 824 -23.31 4.75 -0.11
N SER A 825 -24.60 5.05 -0.32
CA SER A 825 -25.45 4.09 -1.00
C SER A 825 -25.13 4.01 -2.49
N ALA A 826 -24.74 5.13 -3.10
CA ALA A 826 -24.27 5.10 -4.49
C ALA A 826 -23.00 4.26 -4.59
N ALA A 827 -22.10 4.39 -3.62
CA ALA A 827 -20.89 3.57 -3.62
C ALA A 827 -21.23 2.10 -3.45
N LEU A 828 -22.15 1.77 -2.55
CA LEU A 828 -22.53 0.38 -2.34
C LEU A 828 -23.19 -0.22 -3.57
N LEU A 829 -24.05 0.55 -4.24
CA LEU A 829 -24.68 0.05 -5.46
C LEU A 829 -23.64 -0.19 -6.56
N LEU A 830 -22.67 0.72 -6.68
CA LEU A 830 -21.57 0.48 -7.61
C LEU A 830 -20.68 -0.66 -7.13
N GLU A 831 -20.47 -0.77 -5.82
CA GLU A 831 -19.54 -1.77 -5.29
C GLU A 831 -20.03 -3.19 -5.52
N VAL A 832 -21.34 -3.43 -5.33
CA VAL A 832 -21.83 -4.79 -5.42
C VAL A 832 -21.68 -5.34 -6.83
N LEU A 833 -21.86 -4.49 -7.84
CA LEU A 833 -21.62 -4.93 -9.21
C LEU A 833 -20.14 -5.22 -9.45
N SER A 834 -19.26 -4.36 -8.94
CA SER A 834 -17.83 -4.53 -9.18
C SER A 834 -17.32 -5.83 -8.61
N LEU A 835 -17.73 -6.18 -7.39
CA LEU A 835 -17.32 -7.44 -6.80
C LEU A 835 -17.91 -8.62 -7.57
N ALA A 836 -19.12 -8.46 -8.11
CA ALA A 836 -19.75 -9.55 -8.85
C ALA A 836 -19.15 -9.68 -10.25
N VAL A 837 -18.77 -8.56 -10.87
CA VAL A 837 -18.18 -8.61 -12.21
C VAL A 837 -16.86 -9.35 -12.19
N SER A 838 -16.02 -9.08 -11.17
CA SER A 838 -14.75 -9.78 -11.07
C SER A 838 -14.95 -11.27 -10.85
N ILE A 839 -16.07 -11.68 -10.26
CA ILE A 839 -16.40 -13.10 -10.16
C ILE A 839 -16.58 -13.70 -11.55
N ARG A 840 -17.33 -12.99 -12.41
CA ARG A 840 -17.56 -13.47 -13.77
C ARG A 840 -16.30 -13.43 -14.63
N MET A 841 -15.25 -12.75 -14.19
CA MET A 841 -14.03 -12.65 -14.95
C MET A 841 -13.02 -13.74 -14.59
N VAL A 842 -13.17 -14.39 -13.44
CA VAL A 842 -12.28 -15.48 -13.03
C VAL A 842 -13.02 -16.80 -12.90
N PHE A 843 -14.26 -16.79 -12.40
CA PHE A 843 -14.96 -18.04 -12.14
C PHE A 843 -15.65 -18.55 -13.40
N PHE A 844 -16.29 -17.67 -14.16
CA PHE A 844 -16.94 -18.02 -15.42
C PHE A 844 -17.99 -19.11 -15.21
N LEU A 845 -19.00 -18.77 -14.42
CA LEU A 845 -20.07 -19.72 -14.10
C LEU A 845 -20.86 -20.08 -15.35
N GLU A 846 -21.74 -21.08 -15.20
CA GLU A 846 -22.62 -21.47 -16.30
C GLU A 846 -23.61 -20.37 -16.66
N ASP A 847 -23.83 -19.40 -15.76
CA ASP A 847 -24.70 -18.27 -16.07
C ASP A 847 -24.07 -17.29 -17.05
N VAL A 848 -22.78 -17.47 -17.38
CA VAL A 848 -22.14 -16.59 -18.34
C VAL A 848 -22.85 -16.72 -19.70
N MET A 849 -22.83 -15.64 -20.46
CA MET A 849 -23.62 -15.57 -21.68
C MET A 849 -22.96 -14.55 -22.61
N ALA A 850 -23.34 -14.60 -23.89
CA ALA A 850 -22.62 -13.85 -24.92
C ALA A 850 -22.64 -12.35 -24.65
N CYS A 851 -23.79 -11.79 -24.27
CA CYS A 851 -23.90 -10.34 -24.13
C CYS A 851 -23.00 -9.83 -23.01
N THR A 852 -22.97 -10.52 -21.87
CA THR A 852 -22.12 -10.10 -20.77
C THR A 852 -20.65 -10.45 -21.02
N LYS A 853 -20.36 -11.37 -21.92
CA LYS A 853 -18.99 -11.60 -22.34
C LYS A 853 -18.49 -10.50 -23.27
N ARG A 854 -19.41 -9.86 -24.01
CA ARG A 854 -19.02 -8.72 -24.84
C ARG A 854 -18.53 -7.55 -23.98
N LEU A 855 -19.25 -7.26 -22.91
CA LEU A 855 -18.89 -6.14 -22.04
C LEU A 855 -17.70 -6.45 -21.14
N LEU A 856 -17.49 -7.72 -20.79
CA LEU A 856 -16.41 -8.07 -19.87
C LEU A 856 -15.04 -7.71 -20.46
N GLU A 857 -14.84 -7.99 -21.74
CA GLU A 857 -13.57 -7.66 -22.37
C GLU A 857 -13.40 -6.16 -22.54
N TRP A 858 -14.49 -5.42 -22.80
CA TRP A 858 -14.37 -3.98 -22.98
C TRP A 858 -13.88 -3.30 -21.71
N ILE A 859 -14.40 -3.73 -20.55
CA ILE A 859 -13.93 -3.17 -19.29
C ILE A 859 -12.48 -3.57 -19.04
N ALA A 860 -12.04 -4.70 -19.59
CA ALA A 860 -10.67 -5.18 -19.38
C ALA A 860 -9.62 -4.34 -20.07
N GLY A 861 -10.02 -3.38 -20.91
CA GLY A 861 -9.07 -2.55 -21.61
C GLY A 861 -8.32 -1.61 -20.66
N TRP A 862 -7.37 -0.88 -21.23
CA TRP A 862 -6.53 0.00 -20.43
C TRP A 862 -7.29 1.23 -19.97
N LEU A 863 -7.82 2.01 -20.92
CA LEU A 863 -8.57 3.20 -20.56
C LEU A 863 -9.81 2.89 -19.72
N PRO A 864 -10.69 1.96 -20.11
CA PRO A 864 -11.92 1.77 -19.32
C PRO A 864 -11.69 1.24 -17.92
N ARG A 865 -10.76 0.32 -17.73
CA ARG A 865 -10.50 -0.20 -16.39
C ARG A 865 -9.85 0.86 -15.50
N HIS A 866 -9.08 1.77 -16.09
CA HIS A 866 -8.54 2.88 -15.31
C HIS A 866 -9.65 3.76 -14.76
N CYS A 867 -10.68 4.02 -15.57
CA CYS A 867 -11.80 4.83 -15.11
C CYS A 867 -12.53 4.16 -13.94
N ILE A 868 -12.77 2.86 -14.04
CA ILE A 868 -13.46 2.16 -12.96
C ILE A 868 -12.57 2.10 -11.73
N GLY A 869 -11.28 1.78 -11.91
CA GLY A 869 -10.39 1.71 -10.77
C GLY A 869 -10.18 3.06 -10.11
N ALA A 870 -10.18 4.13 -10.89
CA ALA A 870 -9.99 5.46 -10.32
C ALA A 870 -11.12 5.81 -9.36
N ILE A 871 -12.35 5.47 -9.72
CA ILE A 871 -13.47 5.76 -8.83
C ILE A 871 -13.62 4.69 -7.76
N LEU A 872 -13.15 3.46 -8.03
CA LEU A 872 -13.21 2.41 -7.02
C LEU A 872 -12.20 2.65 -5.90
N VAL A 873 -10.98 3.04 -6.27
CA VAL A 873 -9.97 3.36 -5.26
C VAL A 873 -10.38 4.60 -4.48
N SER A 874 -10.95 5.60 -5.17
CA SER A 874 -11.41 6.82 -4.51
C SER A 874 -12.74 6.65 -3.79
N LEU A 875 -13.40 5.50 -3.94
CA LEU A 875 -14.69 5.28 -3.28
C LEU A 875 -14.57 5.35 -1.75
N PRO A 876 -13.61 4.69 -1.10
CA PRO A 876 -13.48 4.89 0.35
C PRO A 876 -13.17 6.31 0.74
N ALA A 877 -12.39 7.04 -0.06
CA ALA A 877 -12.08 8.43 0.25
C ALA A 877 -13.33 9.30 0.18
N LEU A 878 -14.22 9.02 -0.77
CA LEU A 878 -15.43 9.81 -0.92
C LEU A 878 -16.41 9.61 0.23
N ALA A 879 -16.22 8.56 1.04
CA ALA A 879 -17.06 8.37 2.21
C ALA A 879 -16.67 9.33 3.33
N VAL A 880 -15.38 9.67 3.42
CA VAL A 880 -14.92 10.59 4.47
C VAL A 880 -15.46 11.99 4.20
N TYR A 881 -15.34 12.45 2.96
CA TYR A 881 -15.68 13.83 2.61
C TYR A 881 -17.16 14.03 2.31
N SER A 882 -17.97 12.98 2.38
CA SER A 882 -19.41 13.14 2.29
C SER A 882 -20.04 13.56 3.62
N HIS A 883 -19.26 13.59 4.70
CA HIS A 883 -19.75 13.97 6.02
C HIS A 883 -19.37 15.40 6.39
N VAL A 884 -18.84 16.18 5.45
CA VAL A 884 -18.36 17.53 5.71
C VAL A 884 -19.43 18.52 5.28
N THR A 885 -19.80 19.42 6.19
CA THR A 885 -20.80 20.45 5.92
C THR A 885 -20.31 21.77 6.49
N SER A 886 -21.19 22.77 6.50
CA SER A 886 -20.85 24.09 7.03
C SER A 886 -20.76 24.11 8.55
N GLU A 887 -21.25 23.08 9.23
CA GLU A 887 -21.20 23.00 10.68
C GLU A 887 -19.97 22.26 11.19
N TYR A 888 -18.87 22.32 10.46
CA TYR A 888 -17.65 21.62 10.87
C TYR A 888 -17.15 22.15 12.21
N GLU A 889 -17.14 23.46 12.39
CA GLU A 889 -16.70 24.06 13.65
C GLU A 889 -17.86 24.21 14.63
N PHE A 894 -14.99 15.68 14.91
CA PHE A 894 -15.10 16.20 13.55
C PHE A 894 -13.77 16.68 12.96
N PRO A 895 -12.97 17.45 13.71
CA PRO A 895 -11.63 17.80 13.20
C PRO A 895 -10.59 16.71 13.42
N VAL A 896 -10.85 15.74 14.29
CA VAL A 896 -9.94 14.62 14.50
C VAL A 896 -10.40 13.38 13.75
N PHE A 897 -11.71 13.11 13.74
CA PHE A 897 -12.22 11.93 13.07
C PHE A 897 -12.03 12.03 11.55
N THR A 898 -12.30 13.20 10.98
CA THR A 898 -12.12 13.36 9.53
C THR A 898 -10.65 13.27 9.15
N GLY A 899 -9.78 13.88 9.96
CA GLY A 899 -8.36 13.83 9.65
C GLY A 899 -7.78 12.43 9.75
N SER A 900 -8.13 11.71 10.82
CA SER A 900 -7.54 10.40 11.04
C SER A 900 -8.11 9.37 10.06
N ALA A 901 -9.37 9.53 9.68
CA ALA A 901 -9.95 8.63 8.69
C ALA A 901 -9.37 8.88 7.30
N ALA A 902 -9.05 10.13 7.01
CA ALA A 902 -8.47 10.46 5.70
C ALA A 902 -7.09 9.85 5.49
N LEU A 903 -6.38 9.53 6.57
CA LEU A 903 -5.09 8.85 6.43
C LEU A 903 -5.27 7.46 5.86
N ILE A 904 -6.36 6.77 6.24
CA ILE A 904 -6.68 5.50 5.62
C ILE A 904 -7.04 5.68 4.16
N ALA A 905 -7.69 6.80 3.82
CA ALA A 905 -8.09 7.03 2.43
C ALA A 905 -6.88 7.10 1.51
N VAL A 906 -5.90 7.94 1.85
CA VAL A 906 -4.70 8.05 1.03
C VAL A 906 -3.92 6.75 1.04
N VAL A 907 -3.92 6.06 2.19
CA VAL A 907 -3.24 4.77 2.29
C VAL A 907 -3.89 3.75 1.35
N HIS A 908 -5.22 3.79 1.22
CA HIS A 908 -5.92 2.84 0.39
C HIS A 908 -5.52 2.93 -1.09
N TYR A 909 -4.93 4.05 -1.50
CA TYR A 909 -4.53 4.19 -2.90
C TYR A 909 -3.36 3.30 -3.27
N CYS A 910 -2.72 2.66 -2.28
CA CYS A 910 -1.72 1.65 -2.58
C CYS A 910 -2.33 0.40 -3.21
N ASN A 911 -3.61 0.14 -2.94
CA ASN A 911 -4.30 -0.99 -3.55
C ASN A 911 -4.50 -0.72 -5.04
N PHE A 912 -4.92 -1.76 -5.77
CA PHE A 912 -5.02 -1.73 -7.23
C PHE A 912 -3.63 -1.54 -7.85
N CYS A 913 -2.75 -2.51 -7.57
CA CYS A 913 -1.39 -2.46 -8.10
C CYS A 913 -1.36 -2.58 -9.62
N GLN A 914 -2.41 -3.13 -10.23
CA GLN A 914 -2.45 -3.27 -11.68
C GLN A 914 -2.52 -1.91 -12.38
N LEU A 915 -3.22 -0.95 -11.79
CA LEU A 915 -3.38 0.35 -12.39
C LEU A 915 -2.07 1.14 -12.35
N SER A 916 -2.05 2.25 -13.06
CA SER A 916 -0.86 3.09 -13.12
C SER A 916 -0.58 3.71 -11.75
N SER A 917 0.67 3.60 -11.30
CA SER A 917 1.04 4.17 -10.01
C SER A 917 0.95 5.70 -10.04
N TRP A 918 1.31 6.30 -11.17
CA TRP A 918 1.32 7.76 -11.26
C TRP A 918 -0.09 8.32 -11.12
N MET A 919 -1.08 7.65 -11.73
CA MET A 919 -2.46 8.10 -11.58
C MET A 919 -2.98 7.82 -10.18
N ARG A 920 -2.63 6.66 -9.62
CA ARG A 920 -3.07 6.31 -8.28
C ARG A 920 -2.46 7.24 -7.24
N SER A 921 -1.15 7.45 -7.31
CA SER A 921 -0.49 8.32 -6.34
C SER A 921 -0.97 9.76 -6.47
N SER A 922 -1.13 10.24 -7.70
CA SER A 922 -1.62 11.61 -7.90
C SER A 922 -3.03 11.77 -7.36
N LEU A 923 -3.89 10.78 -7.58
CA LEU A 923 -5.26 10.85 -7.09
C LEU A 923 -5.30 10.85 -5.56
N ALA A 924 -4.33 10.18 -4.92
CA ALA A 924 -4.25 10.25 -3.47
C ALA A 924 -3.92 11.66 -2.99
N THR A 925 -3.18 12.42 -3.80
CA THR A 925 -2.82 13.79 -3.41
C THR A 925 -4.00 14.74 -3.57
N VAL A 926 -4.84 14.52 -4.60
CA VAL A 926 -5.88 15.49 -4.93
C VAL A 926 -7.22 15.07 -4.34
N VAL A 927 -7.45 13.76 -4.21
CA VAL A 927 -8.70 13.24 -3.70
C VAL A 927 -8.57 12.66 -2.30
N GLY A 928 -7.37 12.64 -1.74
CA GLY A 928 -7.19 12.13 -0.39
C GLY A 928 -6.54 13.12 0.55
N ALA A 929 -5.79 14.07 -0.02
CA ALA A 929 -5.09 15.07 0.76
C ALA A 929 -5.52 16.50 0.47
N GLY A 930 -5.87 16.81 -0.78
CA GLY A 930 -6.27 18.13 -1.16
C GLY A 930 -7.48 18.70 -0.43
N PRO A 931 -8.56 17.93 -0.33
CA PRO A 931 -9.76 18.47 0.36
C PRO A 931 -9.51 18.83 1.81
N LEU A 932 -8.88 17.93 2.58
CA LEU A 932 -8.58 18.25 3.98
C LEU A 932 -7.60 19.41 4.08
N LEU A 933 -6.58 19.43 3.19
CA LEU A 933 -5.61 20.52 3.22
C LEU A 933 -6.27 21.86 2.92
N LEU A 934 -7.16 21.90 1.93
CA LEU A 934 -7.83 23.15 1.59
C LEU A 934 -8.89 23.52 2.61
N LEU A 935 -9.44 22.53 3.32
CA LEU A 935 -10.45 22.81 4.34
C LEU A 935 -9.87 23.64 5.48
N TYR A 936 -8.57 23.52 5.73
CA TYR A 936 -7.90 24.36 6.71
C TYR A 936 -7.54 25.73 6.15
N VAL A 937 -7.68 25.94 4.84
CA VAL A 937 -7.35 27.21 4.23
C VAL A 937 -8.62 27.96 3.84
N LEU A 977 0.82 23.87 16.18
CA LEU A 977 -0.12 24.42 15.22
C LEU A 977 -0.77 23.31 14.39
N ILE A 978 -2.09 23.22 14.49
CA ILE A 978 -2.82 22.20 13.75
C ILE A 978 -2.71 22.44 12.25
N GLY A 979 -2.83 23.70 11.83
CA GLY A 979 -2.74 24.01 10.40
C GLY A 979 -1.39 23.66 9.80
N GLN A 980 -0.31 23.91 10.55
CA GLN A 980 1.03 23.62 10.06
C GLN A 980 1.44 22.17 10.31
N GLU A 981 0.59 21.37 10.94
CA GLU A 981 0.93 19.97 11.20
C GLU A 981 0.25 19.04 10.20
N VAL A 982 -0.97 19.35 9.77
CA VAL A 982 -1.66 18.51 8.81
C VAL A 982 -0.90 18.45 7.50
N VAL A 983 -0.19 19.52 7.15
CA VAL A 983 0.65 19.49 5.96
C VAL A 983 1.78 18.49 6.12
N LEU A 984 2.49 18.56 7.25
CA LEU A 984 3.63 17.67 7.46
C LEU A 984 3.20 16.24 7.70
N VAL A 985 2.05 16.04 8.35
CA VAL A 985 1.53 14.69 8.55
C VAL A 985 1.21 14.04 7.22
N PHE A 986 0.55 14.79 6.33
CA PHE A 986 0.15 14.23 5.04
C PHE A 986 1.30 14.14 4.07
N PHE A 987 2.24 15.08 4.10
CA PHE A 987 3.36 15.06 3.17
C PHE A 987 4.22 13.83 3.40
N LEU A 988 4.46 13.46 4.67
CA LEU A 988 5.24 12.26 4.96
C LEU A 988 4.52 11.01 4.48
N LEU A 989 3.20 10.95 4.68
CA LEU A 989 2.45 9.77 4.27
C LEU A 989 2.31 9.69 2.75
N LEU A 990 2.16 10.85 2.09
CA LEU A 990 2.01 10.84 0.64
C LEU A 990 3.25 10.30 -0.05
N LEU A 991 4.44 10.72 0.41
CA LEU A 991 5.67 10.25 -0.23
C LEU A 991 5.88 8.76 0.00
N LEU A 992 5.42 8.24 1.14
CA LEU A 992 5.45 6.79 1.36
C LEU A 992 4.50 6.09 0.39
N VAL A 993 3.34 6.69 0.13
CA VAL A 993 2.41 6.13 -0.84
C VAL A 993 3.01 6.17 -2.24
N TRP A 994 3.66 7.29 -2.59
CA TRP A 994 4.28 7.40 -3.91
C TRP A 994 5.39 6.38 -4.08
N PHE A 995 6.20 6.17 -3.05
CA PHE A 995 7.32 5.22 -3.15
C PHE A 995 6.81 3.78 -3.20
N LEU A 996 5.84 3.44 -2.36
CA LEU A 996 5.35 2.06 -2.34
C LEU A 996 4.64 1.70 -3.64
N ASN A 997 3.84 2.62 -4.17
CA ASN A 997 3.18 2.36 -5.45
C ASN A 997 4.19 2.22 -6.57
N ARG A 998 5.25 3.03 -6.55
CA ARG A 998 6.32 2.89 -7.52
C ARG A 998 7.01 1.55 -7.38
N GLU A 999 7.28 1.12 -6.14
CA GLU A 999 8.04 -0.11 -5.92
C GLU A 999 7.24 -1.35 -6.31
N PHE A 1000 5.92 -1.30 -6.13
CA PHE A 1000 5.10 -2.46 -6.48
C PHE A 1000 4.75 -2.48 -7.97
N GLU A 1001 4.67 -1.32 -8.61
CA GLU A 1001 4.41 -1.28 -10.04
C GLU A 1001 5.57 -1.89 -10.82
N VAL A 1002 6.81 -1.55 -10.45
CA VAL A 1002 7.95 -2.15 -11.12
C VAL A 1002 8.08 -3.63 -10.75
N SER A 1003 7.45 -4.05 -9.67
CA SER A 1003 7.44 -5.45 -9.28
C SER A 1003 6.28 -6.22 -9.89
N TYR A 1004 5.34 -5.54 -10.54
CA TYR A 1004 4.25 -6.19 -11.26
C TYR A 1004 4.52 -6.27 -12.74
N ARG A 1005 5.06 -5.21 -13.34
CA ARG A 1005 5.44 -5.25 -14.75
C ARG A 1005 6.63 -6.17 -14.97
N LEU A 1006 7.54 -6.23 -13.99
CA LEU A 1006 8.67 -7.14 -14.09
C LEU A 1006 8.20 -8.59 -14.11
N HIS A 1007 7.17 -8.90 -13.34
CA HIS A 1007 6.59 -10.24 -13.39
C HIS A 1007 6.03 -10.55 -14.77
N TYR A 1008 5.36 -9.57 -15.38
CA TYR A 1008 4.85 -9.76 -16.74
C TYR A 1008 5.98 -9.94 -17.73
N HIS A 1009 7.06 -9.17 -17.58
CA HIS A 1009 8.21 -9.34 -18.45
C HIS A 1009 8.83 -10.72 -18.30
N GLY A 1010 8.75 -11.31 -17.11
CA GLY A 1010 9.20 -12.68 -16.93
C GLY A 1010 8.25 -13.69 -17.54
N ASP A 1011 6.97 -13.35 -17.62
CA ASP A 1011 6.00 -14.26 -18.22
C ASP A 1011 6.16 -14.31 -19.74
N VAL A 1012 6.30 -13.15 -20.38
CA VAL A 1012 6.45 -13.13 -21.83
C VAL A 1012 7.81 -13.70 -22.24
N GLU A 1013 8.84 -13.54 -21.40
CA GLU A 1013 10.14 -14.10 -21.73
C GLU A 1013 10.18 -15.60 -21.52
N ALA A 1014 9.39 -16.11 -20.58
CA ALA A 1014 9.37 -17.55 -20.34
C ALA A 1014 8.64 -18.29 -21.46
N ASP A 1015 7.49 -17.77 -21.89
CA ASP A 1015 6.75 -18.41 -22.97
C ASP A 1015 7.37 -18.18 -24.34
N LEU A 1016 8.20 -17.15 -24.50
CA LEU A 1016 8.95 -17.00 -25.73
C LEU A 1016 9.99 -18.10 -25.87
N HIS A 1017 10.68 -18.44 -24.78
CA HIS A 1017 11.65 -19.52 -24.82
C HIS A 1017 10.96 -20.87 -25.01
N ARG A 1018 9.78 -21.05 -24.39
CA ARG A 1018 9.06 -22.29 -24.52
C ARG A 1018 8.64 -22.53 -25.96
N THR A 1019 8.22 -21.48 -26.66
CA THR A 1019 7.87 -21.62 -28.07
C THR A 1019 9.09 -22.00 -28.90
N LYS A 1020 10.25 -21.40 -28.59
CA LYS A 1020 11.47 -21.74 -29.31
C LYS A 1020 11.86 -23.19 -29.08
N ILE A 1021 11.67 -23.70 -27.86
CA ILE A 1021 11.99 -25.09 -27.57
C ILE A 1021 11.09 -26.02 -28.36
N GLN A 1022 9.79 -25.70 -28.43
CA GLN A 1022 8.87 -26.53 -29.20
C GLN A 1022 9.18 -26.48 -30.69
N SER A 1023 9.76 -25.39 -31.16
CA SER A 1023 10.13 -25.30 -32.57
C SER A 1023 11.23 -26.30 -32.91
N MET A 1024 12.22 -26.44 -32.04
CA MET A 1024 13.32 -27.37 -32.26
C MET A 1024 13.04 -28.72 -31.59
#